data_5K0K
#
_entry.id   5K0K
#
_cell.length_a   51.072
_cell.length_b   91.315
_cell.length_c   69.203
_cell.angle_alpha   90.000
_cell.angle_beta   100.420
_cell.angle_gamma   90.000
#
_symmetry.space_group_name_H-M   'P 1 21 1'
#
loop_
_entity.id
_entity.type
_entity.pdbx_description
1 polymer 'Tyrosine-protein kinase Mer'
2 non-polymer 'CHLORIDE ION'
3 non-polymer '15-{4-[(4-methylpiperazin-1-yl)methyl]phenyl}-4,5,6,7,9,10,11,12-octahydro-2,16-(azenometheno)pyrrolo[2,1-d][1,3,5,9]te traazacyclotetradecin-8(3H)-one'
4 non-polymer 'MAGNESIUM ION'
5 water water
#
_entity_poly.entity_id   1
_entity_poly.type   'polypeptide(L)'
_entity_poly.pdbx_seq_one_letter_code
;MGSSHHHHHHSSGLVPRGSEELQNKLEDVVIDRNLLILGKILGEGEFGSVMEGNLKQEDGTSLKVAVKTMKLDNSSQREI
EEFLSEAACMKDFSHPNVIRLLGVCIEMSSQGIPKPMVILPFMKYGDLHTYLLYSRLETGPKHIPLQTLLKFMVDIALGM
EYLSNRNFLHRDLAARNCMLRDDMTVCVADFGLSKKIYSGDYYRQGRIAKMPVKWIAIESLADRVYTSKSDVWAFGVTMW
EIATRGMTPYPGVQNHEMYDYLLHGHRLKQPEDCLDELYEIMYSCWRTDPLDRPTFSVLRLQLEKLLESLPDV
;
_entity_poly.pdbx_strand_id   A,B
#
# COMPACT_ATOMS: atom_id res chain seq x y z
N LEU A 26 3.79 35.61 -17.63
CA LEU A 26 5.09 35.02 -17.95
C LEU A 26 6.23 35.84 -17.36
N GLU A 27 6.07 37.16 -17.42
CA GLU A 27 7.13 38.07 -17.01
C GLU A 27 7.64 37.80 -15.61
N ASP A 28 6.78 37.23 -14.76
CA ASP A 28 7.10 37.04 -13.36
C ASP A 28 7.67 35.64 -13.08
N VAL A 29 7.04 34.61 -13.64
CA VAL A 29 7.35 33.23 -13.29
C VAL A 29 8.36 32.56 -14.21
N VAL A 30 8.43 33.02 -15.46
CA VAL A 30 9.29 32.38 -16.45
C VAL A 30 10.76 32.48 -16.06
N ILE A 31 11.49 31.40 -16.34
CA ILE A 31 12.93 31.35 -16.15
C ILE A 31 13.56 30.83 -17.43
N ASP A 32 14.66 31.46 -17.86
CA ASP A 32 15.35 31.01 -19.06
C ASP A 32 15.83 29.57 -18.91
N ARG A 33 15.53 28.76 -19.91
CA ARG A 33 15.84 27.33 -19.88
C ARG A 33 17.33 27.07 -19.70
N ASN A 34 18.17 28.01 -20.15
CA ASN A 34 19.61 27.84 -20.09
C ASN A 34 20.14 27.90 -18.64
N LEU A 35 19.34 28.47 -17.75
CA LEU A 35 19.70 28.54 -16.33
C LEU A 35 19.36 27.24 -15.60
N LEU A 36 18.87 26.25 -16.35
CA LEU A 36 18.43 25.00 -15.76
C LEU A 36 19.16 23.80 -16.39
N ILE A 37 19.67 22.93 -15.53
CA ILE A 37 20.34 21.70 -15.95
C ILE A 37 19.61 20.52 -15.32
N LEU A 38 19.21 19.55 -16.15
CA LEU A 38 18.40 18.43 -15.69
C LEU A 38 19.22 17.16 -15.51
N GLY A 39 18.81 16.32 -14.55
CA GLY A 39 19.52 15.10 -14.23
C GLY A 39 18.58 13.91 -14.10
N LYS A 40 18.87 13.05 -13.13
CA LYS A 40 18.18 11.77 -12.97
C LYS A 40 16.69 11.93 -12.65
N ILE A 41 15.92 10.87 -12.89
CA ILE A 41 14.49 10.86 -12.59
C ILE A 41 14.27 10.55 -11.11
N LEU A 42 13.44 11.37 -10.47
CA LEU A 42 13.13 11.18 -9.05
C LEU A 42 11.81 10.43 -8.88
N GLY A 43 11.00 10.42 -9.93
CA GLY A 43 9.71 9.73 -9.89
C GLY A 43 8.90 10.01 -11.14
N GLU A 44 7.96 9.11 -11.44
CA GLU A 44 7.09 9.24 -12.60
C GLU A 44 5.64 9.03 -12.20
N GLY A 48 2.97 13.21 -16.15
CA GLY A 48 4.35 13.66 -16.25
C GLY A 48 5.28 12.96 -15.27
N SER A 49 6.39 13.61 -14.95
CA SER A 49 7.40 13.01 -14.07
C SER A 49 8.27 14.06 -13.38
N VAL A 50 9.03 13.61 -12.39
CA VAL A 50 9.89 14.50 -11.61
C VAL A 50 11.37 14.20 -11.93
N MET A 51 12.18 15.24 -11.95
CA MET A 51 13.60 15.11 -12.25
C MET A 51 14.41 16.03 -11.35
N GLU A 52 15.62 15.61 -11.02
CA GLU A 52 16.52 16.46 -10.27
C GLU A 52 17.09 17.51 -11.20
N GLY A 53 17.63 18.59 -10.63
CA GLY A 53 18.28 19.61 -11.43
C GLY A 53 18.98 20.67 -10.61
N ASN A 54 19.73 21.52 -11.30
CA ASN A 54 20.38 22.67 -10.69
C ASN A 54 19.87 23.95 -11.33
N LEU A 55 19.34 24.85 -10.51
CA LEU A 55 18.91 26.16 -10.98
C LEU A 55 20.00 27.18 -10.68
N LYS A 56 20.47 27.85 -11.72
CA LYS A 56 21.42 28.93 -11.53
C LYS A 56 20.64 30.19 -11.20
N GLN A 57 20.86 30.71 -10.00
CA GLN A 57 20.11 31.87 -9.50
C GLN A 57 20.77 33.18 -9.92
N GLU A 58 20.16 34.29 -9.51
CA GLU A 58 20.63 35.61 -9.92
C GLU A 58 21.82 36.09 -9.09
N ASP A 59 22.07 35.45 -7.95
CA ASP A 59 23.21 35.79 -7.11
C ASP A 59 24.46 35.03 -7.53
N GLY A 60 24.38 34.33 -8.67
CA GLY A 60 25.49 33.56 -9.18
C GLY A 60 25.51 32.12 -8.68
N THR A 61 24.94 31.90 -7.51
CA THR A 61 24.96 30.58 -6.88
C THR A 61 23.93 29.65 -7.50
N SER A 62 24.23 28.35 -7.50
CA SER A 62 23.35 27.34 -8.07
C SER A 62 22.60 26.61 -6.97
N LEU A 63 21.32 26.37 -7.21
CA LEU A 63 20.42 25.78 -6.23
C LEU A 63 19.87 24.46 -6.75
N LYS A 64 19.74 23.49 -5.85
CA LYS A 64 19.21 22.18 -6.22
C LYS A 64 17.69 22.26 -6.31
N VAL A 65 17.13 21.75 -7.40
CA VAL A 65 15.69 21.83 -7.65
C VAL A 65 15.11 20.49 -8.10
N ALA A 66 13.79 20.36 -7.96
CA ALA A 66 13.04 19.24 -8.52
C ALA A 66 12.17 19.79 -9.63
N VAL A 67 12.22 19.16 -10.80
CA VAL A 67 11.55 19.69 -11.99
C VAL A 67 10.40 18.79 -12.41
N LYS A 68 9.18 19.29 -12.24
CA LYS A 68 7.99 18.52 -12.58
C LYS A 68 7.52 18.85 -13.99
N THR A 69 7.74 17.92 -14.92
CA THR A 69 7.32 18.10 -16.30
C THR A 69 5.81 17.98 -16.40
N MET A 70 5.20 18.85 -17.19
CA MET A 70 3.74 18.93 -17.28
C MET A 70 3.25 18.65 -18.69
N LYS A 71 2.40 17.63 -18.81
CA LYS A 71 1.77 17.30 -20.08
C LYS A 71 0.37 17.93 -20.14
N LEU A 72 0.23 18.96 -20.98
CA LEU A 72 -1.03 19.68 -21.10
C LEU A 72 -1.63 19.49 -22.49
N ASP A 73 -2.91 19.80 -22.61
CA ASP A 73 -3.61 19.72 -23.90
C ASP A 73 -3.33 21.01 -24.68
N ASN A 74 -2.43 20.91 -25.66
CA ASN A 74 -2.00 22.06 -26.43
C ASN A 74 -2.87 22.29 -27.66
N SER A 75 -4.06 21.68 -27.68
CA SER A 75 -5.03 21.94 -28.74
C SER A 75 -5.57 23.36 -28.61
N SER A 76 -5.42 23.93 -27.41
CA SER A 76 -5.83 25.31 -27.14
C SER A 76 -4.99 25.88 -26.00
N GLN A 77 -4.94 27.20 -25.91
CA GLN A 77 -4.19 27.87 -24.85
C GLN A 77 -4.98 27.92 -23.54
N ARG A 78 -6.06 27.13 -23.48
CA ARG A 78 -6.91 27.08 -22.31
C ARG A 78 -6.16 26.59 -21.07
N GLU A 79 -5.61 25.38 -21.15
CA GLU A 79 -4.97 24.76 -19.99
C GLU A 79 -3.68 25.47 -19.57
N ILE A 80 -3.00 26.10 -20.53
CA ILE A 80 -1.77 26.82 -20.23
C ILE A 80 -2.08 28.18 -19.62
N GLU A 81 -3.23 28.75 -19.97
CA GLU A 81 -3.68 30.00 -19.38
C GLU A 81 -3.88 29.80 -17.88
N GLU A 82 -4.56 28.71 -17.53
CA GLU A 82 -4.82 28.37 -16.14
C GLU A 82 -3.53 27.90 -15.47
N PHE A 83 -2.56 27.50 -16.28
CA PHE A 83 -1.26 27.04 -15.77
C PHE A 83 -0.43 28.22 -15.30
N LEU A 84 -0.26 29.20 -16.20
CA LEU A 84 0.54 30.38 -15.91
C LEU A 84 -0.18 31.32 -14.95
N SER A 85 -1.48 31.13 -14.80
CA SER A 85 -2.28 31.94 -13.89
C SER A 85 -1.96 31.58 -12.45
N GLU A 86 -2.10 30.31 -12.11
CA GLU A 86 -1.84 29.83 -10.75
C GLU A 86 -0.38 30.03 -10.39
N ALA A 87 0.51 29.77 -11.35
CA ALA A 87 1.95 29.84 -11.12
C ALA A 87 2.36 31.23 -10.65
N ALA A 88 1.69 32.25 -11.17
CA ALA A 88 1.96 33.63 -10.76
C ALA A 88 1.53 33.82 -9.31
N CYS A 89 0.44 33.16 -8.93
CA CYS A 89 -0.06 33.22 -7.55
C CYS A 89 0.80 32.34 -6.65
N MET A 90 1.15 31.16 -7.16
CA MET A 90 1.92 30.19 -6.39
C MET A 90 3.34 30.68 -6.10
N LYS A 91 3.86 31.54 -6.97
CA LYS A 91 5.20 32.09 -6.77
C LYS A 91 5.19 33.13 -5.66
N ASP A 92 4.02 33.66 -5.34
CA ASP A 92 3.88 34.68 -4.30
C ASP A 92 3.57 34.06 -2.93
N PHE A 93 3.29 32.76 -2.91
CA PHE A 93 3.06 32.05 -1.65
C PHE A 93 4.33 32.05 -0.81
N SER A 94 4.19 32.46 0.45
CA SER A 94 5.32 32.50 1.37
C SER A 94 4.88 31.99 2.74
N HIS A 95 5.21 30.73 3.01
CA HIS A 95 4.88 30.13 4.30
C HIS A 95 5.76 28.89 4.50
N PRO A 96 6.34 28.74 5.70
CA PRO A 96 7.30 27.66 5.92
C PRO A 96 6.72 26.26 5.69
N ASN A 97 5.41 26.14 5.87
CA ASN A 97 4.72 24.86 5.71
C ASN A 97 3.99 24.76 4.37
N VAL A 98 4.40 25.61 3.42
CA VAL A 98 3.89 25.57 2.06
C VAL A 98 5.09 25.62 1.12
N ILE A 99 5.11 24.75 0.12
CA ILE A 99 6.27 24.66 -0.74
C ILE A 99 6.38 25.91 -1.59
N ARG A 100 7.62 26.24 -1.95
CA ARG A 100 7.95 27.45 -2.69
C ARG A 100 7.98 27.17 -4.19
N LEU A 101 7.45 28.09 -4.97
CA LEU A 101 7.57 27.99 -6.42
C LEU A 101 8.66 28.95 -6.90
N LEU A 102 9.65 28.41 -7.61
CA LEU A 102 10.78 29.20 -8.07
C LEU A 102 10.49 29.81 -9.43
N GLY A 103 9.75 29.07 -10.26
CA GLY A 103 9.32 29.57 -11.55
C GLY A 103 8.96 28.45 -12.51
N VAL A 104 8.90 28.79 -13.80
CA VAL A 104 8.61 27.83 -14.86
C VAL A 104 9.59 28.00 -16.02
N CYS A 105 9.92 26.90 -16.68
CA CYS A 105 10.78 26.92 -17.87
C CYS A 105 10.07 26.21 -19.02
N ILE A 106 10.37 26.64 -20.24
CA ILE A 106 9.76 26.05 -21.44
C ILE A 106 10.85 25.39 -22.29
N GLU A 107 10.47 24.36 -23.04
CA GLU A 107 11.39 23.69 -23.95
C GLU A 107 11.24 24.23 -25.38
N PRO A 114 7.00 22.36 -27.12
CA PRO A 114 6.92 23.48 -26.17
C PRO A 114 6.27 23.05 -24.85
N LYS A 115 7.01 22.33 -24.03
CA LYS A 115 6.48 21.80 -22.77
C LYS A 115 6.87 22.67 -21.57
N PRO A 116 5.90 22.97 -20.68
CA PRO A 116 6.27 23.71 -19.46
C PRO A 116 6.87 22.80 -18.40
N MET A 117 7.58 23.38 -17.45
CA MET A 117 8.21 22.62 -16.38
C MET A 117 8.21 23.43 -15.10
N VAL A 118 7.62 22.89 -14.05
CA VAL A 118 7.53 23.58 -12.78
C VAL A 118 8.86 23.39 -12.03
N ILE A 119 9.39 24.49 -11.50
CA ILE A 119 10.66 24.45 -10.77
C ILE A 119 10.42 24.65 -9.28
N LEU A 120 10.71 23.61 -8.52
CA LEU A 120 10.49 23.62 -7.08
C LEU A 120 11.79 23.31 -6.35
N PRO A 121 11.88 23.68 -5.06
CA PRO A 121 13.07 23.33 -4.28
C PRO A 121 13.23 21.82 -4.14
N PHE A 122 14.47 21.35 -4.25
CA PHE A 122 14.76 19.95 -3.97
C PHE A 122 14.84 19.74 -2.47
N MET A 123 14.18 18.69 -1.98
CA MET A 123 14.24 18.32 -0.57
C MET A 123 14.70 16.88 -0.46
N LYS A 124 15.92 16.73 0.05
CA LYS A 124 16.63 15.46 0.09
C LYS A 124 15.93 14.41 0.95
N TYR A 125 15.16 14.84 1.95
CA TYR A 125 14.44 13.91 2.82
C TYR A 125 13.18 13.35 2.16
N GLY A 126 12.84 13.86 0.98
CA GLY A 126 11.78 13.29 0.17
C GLY A 126 10.39 13.46 0.74
N ASP A 127 9.45 12.66 0.23
CA ASP A 127 8.05 12.75 0.63
C ASP A 127 7.82 12.07 1.97
N LEU A 128 6.78 12.52 2.68
CA LEU A 128 6.52 12.05 4.03
C LEU A 128 6.02 10.60 4.06
N HIS A 129 5.35 10.17 2.99
CA HIS A 129 4.75 8.84 2.99
C HIS A 129 5.84 7.77 3.05
N THR A 130 6.84 7.91 2.19
CA THR A 130 7.94 6.96 2.14
C THR A 130 8.69 6.98 3.46
N TYR A 131 8.83 8.17 4.03
CA TYR A 131 9.55 8.37 5.29
C TYR A 131 8.89 7.56 6.41
N LEU A 132 7.55 7.62 6.45
CA LEU A 132 6.79 6.89 7.46
C LEU A 132 7.05 5.40 7.36
N LEU A 133 7.09 4.89 6.13
CA LEU A 133 7.33 3.47 5.88
C LEU A 133 8.73 3.10 6.34
N TYR A 134 9.71 3.90 5.93
CA TYR A 134 11.10 3.68 6.32
C TYR A 134 11.22 3.64 7.83
N SER A 135 10.41 4.45 8.50
CA SER A 135 10.46 4.58 9.95
C SER A 135 10.30 3.23 10.62
N ARG A 136 9.57 2.33 9.97
CA ARG A 136 9.29 1.00 10.51
C ARG A 136 10.37 -0.03 10.17
N LEU A 137 11.46 0.42 9.57
CA LEU A 137 12.57 -0.45 9.20
C LEU A 137 13.85 0.00 9.88
N GLU A 138 14.65 -0.97 10.35
CA GLU A 138 15.97 -0.69 10.90
C GLU A 138 16.81 0.00 9.83
N THR A 139 17.92 0.60 10.24
CA THR A 139 18.74 1.43 9.36
C THR A 139 18.02 2.73 9.02
N GLY A 140 16.78 2.63 8.55
CA GLY A 140 15.95 3.80 8.31
C GLY A 140 15.64 4.51 9.61
N PRO A 141 15.04 5.71 9.51
CA PRO A 141 14.75 6.57 10.67
C PRO A 141 14.12 5.85 11.86
N LYS A 142 14.36 6.39 13.05
CA LYS A 142 13.87 5.80 14.29
C LYS A 142 12.36 5.83 14.33
N HIS A 143 11.78 4.91 15.09
CA HIS A 143 10.35 4.88 15.37
C HIS A 143 9.89 6.29 15.73
N ILE A 144 8.97 6.83 14.92
CA ILE A 144 8.51 8.18 15.12
C ILE A 144 7.50 8.22 16.26
N PRO A 145 7.81 8.95 17.34
CA PRO A 145 6.85 9.00 18.45
C PRO A 145 5.61 9.80 18.09
N LEU A 146 4.55 9.66 18.89
CA LEU A 146 3.28 10.33 18.62
C LEU A 146 3.43 11.85 18.55
N GLN A 147 4.25 12.40 19.43
CA GLN A 147 4.46 13.84 19.49
C GLN A 147 4.96 14.37 18.15
N THR A 148 5.80 13.57 17.49
CA THR A 148 6.39 13.95 16.22
C THR A 148 5.37 13.77 15.11
N LEU A 149 4.52 12.76 15.26
CA LEU A 149 3.47 12.49 14.27
C LEU A 149 2.43 13.60 14.24
N LEU A 150 2.04 14.11 15.40
CA LEU A 150 1.08 15.21 15.46
C LEU A 150 1.70 16.46 14.85
N LYS A 151 2.98 16.67 15.12
CA LYS A 151 3.69 17.85 14.61
C LYS A 151 3.69 17.84 13.09
N PHE A 152 3.74 16.65 12.51
CA PHE A 152 3.61 16.52 11.06
C PHE A 152 2.23 17.05 10.65
N MET A 153 1.20 16.68 11.41
CA MET A 153 -0.17 17.06 11.08
C MET A 153 -0.36 18.56 11.22
N VAL A 154 0.19 19.12 12.29
CA VAL A 154 0.13 20.57 12.53
C VAL A 154 0.73 21.33 11.37
N ASP A 155 1.94 20.93 10.96
CA ASP A 155 2.64 21.56 9.84
C ASP A 155 1.74 21.60 8.60
N ILE A 156 1.13 20.46 8.28
CA ILE A 156 0.27 20.36 7.10
C ILE A 156 -0.96 21.24 7.28
N ALA A 157 -1.56 21.20 8.46
CA ALA A 157 -2.73 22.00 8.76
C ALA A 157 -2.43 23.49 8.62
N LEU A 158 -1.27 23.92 9.12
CA LEU A 158 -0.83 25.30 8.97
C LEU A 158 -0.66 25.66 7.50
N GLY A 159 -0.05 24.75 6.75
CA GLY A 159 0.12 24.96 5.32
C GLY A 159 -1.22 25.09 4.61
N MET A 160 -2.15 24.21 4.94
CA MET A 160 -3.47 24.22 4.31
C MET A 160 -4.25 25.45 4.76
N GLU A 161 -4.03 25.87 6.00
CA GLU A 161 -4.69 27.06 6.53
C GLU A 161 -4.31 28.29 5.71
N TYR A 162 -3.06 28.30 5.26
CA TYR A 162 -2.52 29.41 4.47
C TYR A 162 -3.19 29.45 3.10
N LEU A 163 -3.25 28.30 2.43
CA LEU A 163 -3.86 28.21 1.10
C LEU A 163 -5.35 28.46 1.18
N SER A 164 -5.98 28.02 2.26
CA SER A 164 -7.41 28.16 2.45
C SER A 164 -7.76 29.65 2.61
N ASN A 165 -6.91 30.37 3.35
CA ASN A 165 -7.11 31.81 3.56
C ASN A 165 -7.05 32.59 2.25
N ARG A 166 -6.42 31.99 1.24
CA ARG A 166 -6.31 32.60 -0.08
C ARG A 166 -7.22 31.90 -1.07
N ASN A 167 -8.18 31.13 -0.56
CA ASN A 167 -9.16 30.44 -1.37
C ASN A 167 -8.53 29.60 -2.47
N PHE A 168 -7.32 29.12 -2.20
CA PHE A 168 -6.59 28.29 -3.14
C PHE A 168 -6.80 26.82 -2.77
N LEU A 169 -7.39 26.07 -3.69
CA LEU A 169 -7.63 24.64 -3.48
C LEU A 169 -6.39 23.82 -3.80
N HIS A 170 -6.25 22.70 -3.11
CA HIS A 170 -5.13 21.79 -3.32
C HIS A 170 -5.52 20.70 -4.33
N ARG A 171 -6.65 20.05 -4.06
CA ARG A 171 -7.25 19.08 -4.98
C ARG A 171 -6.47 17.76 -5.09
N ASP A 172 -5.42 17.59 -4.29
CA ASP A 172 -4.59 16.41 -4.37
C ASP A 172 -3.71 16.24 -3.14
N LEU A 173 -4.30 16.45 -1.96
CA LEU A 173 -3.56 16.37 -0.70
C LEU A 173 -3.43 14.92 -0.26
N ALA A 174 -2.20 14.52 0.04
CA ALA A 174 -1.91 13.17 0.52
C ALA A 174 -0.49 13.13 1.07
N ALA A 175 -0.19 12.14 1.91
CA ALA A 175 1.12 12.04 2.53
C ALA A 175 2.23 12.00 1.49
N ARG A 176 1.93 11.41 0.33
N ARG A 176 1.93 11.42 0.33
CA ARG A 176 2.92 11.28 -0.75
CA ARG A 176 2.91 11.23 -0.73
C ARG A 176 3.30 12.65 -1.33
C ARG A 176 3.37 12.54 -1.37
N ASN A 177 2.43 13.64 -1.13
N ASN A 177 2.59 13.61 -1.22
CA ASN A 177 2.65 14.98 -1.65
CA ASN A 177 2.98 14.93 -1.72
C ASN A 177 3.15 15.95 -0.58
C ASN A 177 3.16 15.95 -0.58
N CYS A 178 3.32 15.46 0.63
CA CYS A 178 3.79 16.27 1.74
C CYS A 178 5.29 16.06 1.84
N MET A 179 6.06 17.14 1.77
CA MET A 179 7.52 17.05 1.69
C MET A 179 8.17 17.45 3.01
N LEU A 180 9.27 16.79 3.34
CA LEU A 180 10.06 17.12 4.53
C LEU A 180 11.18 18.08 4.19
N ARG A 181 11.19 19.23 4.85
CA ARG A 181 12.28 20.19 4.69
C ARG A 181 13.53 19.66 5.38
N ASP A 182 14.66 20.33 5.17
CA ASP A 182 15.92 19.91 5.78
C ASP A 182 15.89 20.01 7.30
N ASP A 183 14.96 20.80 7.83
CA ASP A 183 14.76 20.92 9.27
C ASP A 183 13.65 19.98 9.75
N MET A 184 13.29 19.01 8.91
CA MET A 184 12.27 18.00 9.22
C MET A 184 10.87 18.56 9.44
N THR A 185 10.64 19.81 9.09
CA THR A 185 9.30 20.37 9.10
C THR A 185 8.64 19.99 7.79
N VAL A 186 7.32 19.78 7.82
CA VAL A 186 6.60 19.34 6.63
C VAL A 186 6.05 20.55 5.87
N CYS A 187 6.08 20.48 4.55
CA CYS A 187 5.43 21.47 3.70
C CYS A 187 4.54 20.74 2.71
N VAL A 188 3.44 21.38 2.31
CA VAL A 188 2.52 20.80 1.35
C VAL A 188 2.96 21.12 -0.07
N ALA A 189 2.64 20.23 -1.01
CA ALA A 189 3.09 20.38 -2.39
C ALA A 189 2.12 19.76 -3.38
N ASP A 190 2.44 19.91 -4.67
CA ASP A 190 1.67 19.33 -5.76
C ASP A 190 0.30 19.99 -5.95
N PHE A 191 0.05 21.06 -5.22
CA PHE A 191 -1.20 21.81 -5.37
C PHE A 191 -1.15 22.63 -6.65
N GLY A 192 -2.32 22.82 -7.27
CA GLY A 192 -2.44 23.62 -8.47
C GLY A 192 -1.86 22.96 -9.71
N LEU A 193 -2.27 23.46 -10.88
CA LEU A 193 -1.75 23.00 -12.16
C LEU A 193 -2.02 21.51 -12.37
N PRO A 212 -6.53 8.45 -7.30
CA PRO A 212 -6.46 8.90 -5.91
C PRO A 212 -7.84 8.84 -5.24
N VAL A 213 -8.67 7.89 -5.67
CA VAL A 213 -10.06 7.79 -5.24
C VAL A 213 -10.22 7.82 -3.72
N LYS A 214 -9.30 7.17 -3.01
CA LYS A 214 -9.42 6.99 -1.57
C LYS A 214 -9.12 8.25 -0.75
N TRP A 215 -8.84 9.35 -1.44
CA TRP A 215 -8.62 10.64 -0.79
C TRP A 215 -9.72 11.63 -1.16
N ILE A 216 -10.45 11.32 -2.22
CA ILE A 216 -11.46 12.23 -2.75
C ILE A 216 -12.73 12.19 -1.89
N ALA A 217 -13.25 13.37 -1.57
CA ALA A 217 -14.42 13.49 -0.71
C ALA A 217 -15.62 12.88 -1.39
N ILE A 218 -16.60 12.49 -0.59
CA ILE A 218 -17.80 11.82 -1.10
C ILE A 218 -18.59 12.69 -2.08
N GLU A 219 -18.66 13.99 -1.83
CA GLU A 219 -19.40 14.90 -2.70
C GLU A 219 -18.67 15.06 -4.04
N SER A 220 -17.35 14.96 -4.00
CA SER A 220 -16.51 15.18 -5.18
C SER A 220 -16.43 13.94 -6.06
N LEU A 221 -16.93 12.82 -5.54
CA LEU A 221 -16.99 11.59 -6.32
C LEU A 221 -18.22 11.57 -7.23
N ALA A 222 -19.35 11.99 -6.67
CA ALA A 222 -20.62 12.01 -7.40
C ALA A 222 -20.79 13.31 -8.18
N ASP A 223 -20.90 14.42 -7.45
CA ASP A 223 -21.18 15.71 -8.06
C ASP A 223 -19.97 16.23 -8.85
N ARG A 224 -18.80 15.69 -8.56
CA ARG A 224 -17.56 16.12 -9.21
C ARG A 224 -17.33 17.61 -8.97
N VAL A 225 -17.45 18.01 -7.70
CA VAL A 225 -17.25 19.39 -7.28
C VAL A 225 -16.10 19.44 -6.27
N TYR A 226 -15.45 20.59 -6.16
CA TYR A 226 -14.34 20.78 -5.23
C TYR A 226 -14.46 22.05 -4.42
N THR A 227 -14.42 21.92 -3.10
CA THR A 227 -14.34 23.06 -2.20
C THR A 227 -13.18 22.84 -1.24
N SER A 228 -12.95 23.80 -0.35
CA SER A 228 -11.89 23.66 0.63
C SER A 228 -12.24 22.54 1.61
N LYS A 229 -13.54 22.28 1.76
CA LYS A 229 -14.00 21.22 2.65
C LYS A 229 -13.74 19.84 2.03
N SER A 230 -13.42 19.83 0.73
CA SER A 230 -13.01 18.61 0.06
C SER A 230 -11.55 18.34 0.39
N ASP A 231 -10.77 19.41 0.55
CA ASP A 231 -9.37 19.30 0.94
C ASP A 231 -9.26 18.86 2.40
N VAL A 232 -10.19 19.33 3.22
CA VAL A 232 -10.26 18.93 4.63
C VAL A 232 -10.46 17.42 4.72
N TRP A 233 -11.32 16.89 3.86
CA TRP A 233 -11.56 15.45 3.80
C TRP A 233 -10.27 14.70 3.51
N ALA A 234 -9.54 15.17 2.51
CA ALA A 234 -8.28 14.53 2.13
C ALA A 234 -7.26 14.72 3.25
N PHE A 235 -7.34 15.84 3.95
CA PHE A 235 -6.42 16.11 5.05
C PHE A 235 -6.64 15.10 6.18
N GLY A 236 -7.88 14.68 6.37
CA GLY A 236 -8.20 13.71 7.40
C GLY A 236 -7.66 12.35 7.03
N VAL A 237 -7.66 12.04 5.74
CA VAL A 237 -7.09 10.79 5.25
C VAL A 237 -5.59 10.84 5.43
N THR A 238 -5.01 12.02 5.22
CA THR A 238 -3.56 12.20 5.38
C THR A 238 -3.19 11.98 6.84
N MET A 239 -4.05 12.41 7.74
CA MET A 239 -3.83 12.21 9.17
C MET A 239 -3.83 10.72 9.47
N TRP A 240 -4.67 9.98 8.76
CA TRP A 240 -4.81 8.54 8.95
C TRP A 240 -3.55 7.84 8.48
N GLU A 241 -3.06 8.24 7.31
CA GLU A 241 -1.81 7.70 6.77
C GLU A 241 -0.68 7.87 7.77
N ILE A 242 -0.58 9.06 8.35
CA ILE A 242 0.46 9.39 9.31
C ILE A 242 0.33 8.55 10.58
N ALA A 243 -0.91 8.45 11.09
CA ALA A 243 -1.18 7.72 12.33
C ALA A 243 -0.98 6.22 12.15
N THR A 244 -1.01 5.75 10.91
CA THR A 244 -0.79 4.34 10.61
C THR A 244 0.62 4.11 10.06
N ARG A 245 1.38 5.20 9.93
CA ARG A 245 2.75 5.11 9.45
C ARG A 245 2.82 4.46 8.07
N GLY A 246 1.92 4.88 7.18
CA GLY A 246 2.04 4.56 5.77
C GLY A 246 1.03 3.57 5.21
N MET A 247 0.08 3.12 6.03
CA MET A 247 -0.92 2.21 5.53
C MET A 247 -1.74 2.86 4.42
N THR A 248 -2.20 2.04 3.48
CA THR A 248 -3.09 2.52 2.44
C THR A 248 -4.49 2.60 3.02
N PRO A 249 -5.23 3.67 2.69
CA PRO A 249 -6.60 3.80 3.23
C PRO A 249 -7.54 2.66 2.80
N TYR A 250 -8.48 2.31 3.68
CA TYR A 250 -9.54 1.35 3.38
C TYR A 250 -9.00 0.00 2.91
N PRO A 251 -8.24 -0.69 3.76
CA PRO A 251 -7.87 -2.07 3.42
C PRO A 251 -9.11 -2.96 3.29
N GLY A 252 -9.15 -3.79 2.25
CA GLY A 252 -10.29 -4.67 2.01
C GLY A 252 -11.27 -4.08 1.03
N VAL A 253 -11.21 -2.75 0.86
CA VAL A 253 -12.08 -2.04 -0.07
C VAL A 253 -11.32 -1.64 -1.34
N GLN A 254 -11.79 -2.12 -2.48
CA GLN A 254 -11.20 -1.75 -3.77
C GLN A 254 -11.68 -0.34 -4.14
N ASN A 255 -10.97 0.31 -5.06
CA ASN A 255 -11.30 1.67 -5.46
C ASN A 255 -12.70 1.81 -6.04
N HIS A 256 -13.13 0.82 -6.83
CA HIS A 256 -14.44 0.88 -7.47
C HIS A 256 -15.58 0.67 -6.47
N GLU A 257 -15.24 0.40 -5.22
CA GLU A 257 -16.23 0.16 -4.17
C GLU A 257 -16.39 1.37 -3.25
N MET A 258 -15.55 2.38 -3.44
CA MET A 258 -15.42 3.46 -2.46
C MET A 258 -16.69 4.29 -2.28
N TYR A 259 -17.41 4.58 -3.36
CA TYR A 259 -18.58 5.43 -3.25
C TYR A 259 -19.70 4.79 -2.43
N ASP A 260 -20.03 3.55 -2.75
CA ASP A 260 -21.08 2.83 -2.02
C ASP A 260 -20.65 2.62 -0.58
N TYR A 261 -19.34 2.42 -0.37
CA TYR A 261 -18.78 2.23 0.95
C TYR A 261 -19.06 3.48 1.79
N LEU A 262 -18.67 4.64 1.26
CA LEU A 262 -18.82 5.90 1.96
C LEU A 262 -20.29 6.30 2.05
N LEU A 263 -21.01 6.07 0.96
CA LEU A 263 -22.42 6.44 0.87
C LEU A 263 -23.24 5.74 1.95
N HIS A 264 -22.81 4.55 2.34
CA HIS A 264 -23.48 3.79 3.40
C HIS A 264 -23.04 4.23 4.80
N GLY A 265 -22.13 5.19 4.87
CA GLY A 265 -21.75 5.80 6.14
C GLY A 265 -20.47 5.24 6.74
N HIS A 266 -19.87 4.28 6.06
CA HIS A 266 -18.62 3.68 6.53
C HIS A 266 -17.45 4.61 6.29
N ARG A 267 -16.53 4.66 7.26
CA ARG A 267 -15.37 5.55 7.19
C ARG A 267 -14.09 4.82 7.56
N LEU A 268 -12.96 5.52 7.51
CA LEU A 268 -11.69 4.95 7.91
C LEU A 268 -11.77 4.56 9.38
N LYS A 269 -11.28 3.37 9.70
CA LYS A 269 -11.34 2.86 11.05
C LYS A 269 -10.21 3.42 11.89
N GLN A 270 -10.40 3.42 13.21
CA GLN A 270 -9.43 3.99 14.13
C GLN A 270 -8.23 3.04 14.30
N PRO A 271 -7.01 3.55 14.04
CA PRO A 271 -5.81 2.73 14.27
C PRO A 271 -5.66 2.30 15.73
N GLU A 272 -4.96 1.18 15.94
CA GLU A 272 -4.86 0.53 17.25
C GLU A 272 -4.29 1.46 18.32
N ASP A 273 -3.24 2.19 17.97
CA ASP A 273 -2.51 3.02 18.93
C ASP A 273 -2.95 4.49 18.89
N CYS A 274 -4.00 4.77 18.12
CA CYS A 274 -4.48 6.13 17.94
C CYS A 274 -5.41 6.56 19.06
N LEU A 275 -5.19 7.76 19.60
CA LEU A 275 -6.01 8.27 20.67
C LEU A 275 -7.42 8.58 20.19
N ASP A 276 -8.40 8.39 21.06
CA ASP A 276 -9.78 8.71 20.73
C ASP A 276 -9.90 10.18 20.33
N GLU A 277 -9.12 11.03 20.99
CA GLU A 277 -9.15 12.46 20.74
C GLU A 277 -8.61 12.80 19.35
N LEU A 278 -7.65 12.01 18.88
CA LEU A 278 -7.03 12.26 17.58
C LEU A 278 -7.91 11.72 16.45
N TYR A 279 -8.60 10.61 16.71
CA TYR A 279 -9.49 10.01 15.72
C TYR A 279 -10.78 10.82 15.58
N GLU A 280 -11.14 11.56 16.63
CA GLU A 280 -12.29 12.46 16.58
C GLU A 280 -12.06 13.56 15.54
N ILE A 281 -10.85 14.12 15.57
CA ILE A 281 -10.47 15.18 14.64
C ILE A 281 -10.48 14.64 13.21
N MET A 282 -9.95 13.43 13.05
CA MET A 282 -9.93 12.76 11.75
C MET A 282 -11.36 12.53 11.27
N TYR A 283 -12.20 12.03 12.16
CA TYR A 283 -13.57 11.68 11.81
C TYR A 283 -14.35 12.90 11.37
N SER A 284 -14.16 14.01 12.08
CA SER A 284 -14.87 15.25 11.78
C SER A 284 -14.56 15.74 10.37
N CYS A 285 -13.46 15.26 9.81
CA CYS A 285 -13.06 15.63 8.46
C CYS A 285 -13.84 14.86 7.40
N TRP A 286 -14.50 13.78 7.80
CA TRP A 286 -15.22 12.94 6.85
C TRP A 286 -16.73 12.98 7.01
N ARG A 287 -17.24 14.00 7.68
CA ARG A 287 -18.67 14.15 7.83
C ARG A 287 -19.31 14.36 6.46
N THR A 288 -20.48 13.77 6.27
CA THR A 288 -21.10 13.70 4.95
C THR A 288 -21.39 15.07 4.36
N ASP A 289 -21.94 15.96 5.19
CA ASP A 289 -22.20 17.34 4.77
C ASP A 289 -20.90 18.15 4.89
N PRO A 290 -20.39 18.71 3.78
CA PRO A 290 -19.17 19.51 3.83
C PRO A 290 -19.24 20.67 4.81
N LEU A 291 -20.45 21.10 5.16
CA LEU A 291 -20.62 22.22 6.07
C LEU A 291 -20.35 21.79 7.51
N ASP A 292 -20.62 20.51 7.79
CA ASP A 292 -20.41 19.97 9.13
C ASP A 292 -18.93 19.76 9.44
N ARG A 293 -18.10 19.78 8.40
CA ARG A 293 -16.66 19.59 8.60
C ARG A 293 -16.03 20.89 9.11
N PRO A 294 -14.98 20.77 9.93
CA PRO A 294 -14.28 21.94 10.44
C PRO A 294 -13.33 22.54 9.40
N THR A 295 -13.00 23.82 9.57
CA THR A 295 -12.04 24.49 8.71
C THR A 295 -10.62 24.10 9.11
N PHE A 296 -9.64 24.46 8.28
CA PHE A 296 -8.24 24.18 8.58
C PHE A 296 -7.72 24.98 9.77
N SER A 297 -8.32 26.14 10.03
CA SER A 297 -7.89 26.98 11.14
C SER A 297 -8.41 26.42 12.47
N VAL A 298 -9.49 25.66 12.41
CA VAL A 298 -10.02 24.97 13.59
C VAL A 298 -9.22 23.71 13.83
N LEU A 299 -9.00 22.95 12.76
CA LEU A 299 -8.25 21.70 12.87
C LEU A 299 -6.85 21.99 13.40
N ARG A 300 -6.25 23.05 12.87
CA ARG A 300 -4.86 23.37 13.19
C ARG A 300 -4.70 23.63 14.68
N LEU A 301 -5.66 24.35 15.25
CA LEU A 301 -5.60 24.71 16.67
C LEU A 301 -5.93 23.51 17.55
N GLN A 302 -6.78 22.62 17.04
CA GLN A 302 -7.11 21.38 17.74
C GLN A 302 -5.86 20.53 17.91
N LEU A 303 -5.08 20.44 16.83
CA LEU A 303 -3.87 19.62 16.82
C LEU A 303 -2.75 20.25 17.65
N GLU A 304 -2.64 21.58 17.59
CA GLU A 304 -1.66 22.30 18.38
C GLU A 304 -1.94 22.13 19.87
N LYS A 305 -3.22 22.17 20.21
CA LYS A 305 -3.67 22.03 21.59
C LYS A 305 -3.37 20.63 22.10
N LEU A 306 -3.74 19.62 21.31
CA LEU A 306 -3.56 18.22 21.70
C LEU A 306 -2.09 17.88 21.87
N LEU A 307 -1.26 18.35 20.96
CA LEU A 307 0.17 18.11 21.02
C LEU A 307 0.78 18.71 22.28
N GLU A 308 0.27 19.86 22.68
CA GLU A 308 0.80 20.57 23.84
C GLU A 308 0.36 19.91 25.13
N SER A 309 -0.68 19.08 25.04
CA SER A 309 -1.18 18.36 26.21
C SER A 309 -0.40 17.05 26.43
N LEU A 310 0.67 16.86 25.66
CA LEU A 310 1.53 15.70 25.79
C LEU A 310 2.89 16.10 26.33
N PRO A 311 3.63 15.15 26.93
CA PRO A 311 4.99 15.42 27.37
C PRO A 311 5.99 15.33 26.22
N ASP A 312 7.27 15.55 26.51
CA ASP A 312 8.32 15.56 25.49
C ASP A 312 8.97 14.18 25.36
N LEU B 26 -9.47 -38.04 -13.30
CA LEU B 26 -10.18 -37.16 -14.21
C LEU B 26 -11.67 -37.19 -13.92
N GLU B 27 -12.18 -38.37 -13.58
CA GLU B 27 -13.60 -38.55 -13.29
C GLU B 27 -13.86 -38.31 -11.80
N ASP B 28 -12.81 -38.49 -11.00
CA ASP B 28 -12.91 -38.44 -9.54
C ASP B 28 -13.28 -37.05 -9.02
N VAL B 29 -12.81 -36.02 -9.72
CA VAL B 29 -12.93 -34.64 -9.22
C VAL B 29 -14.23 -33.97 -9.64
N VAL B 30 -14.77 -34.35 -10.78
CA VAL B 30 -15.93 -33.66 -11.34
C VAL B 30 -17.18 -33.85 -10.49
N ILE B 31 -17.78 -32.73 -10.11
CA ILE B 31 -19.04 -32.72 -9.37
C ILE B 31 -20.15 -32.19 -10.27
N ASP B 32 -21.35 -32.73 -10.12
CA ASP B 32 -22.48 -32.29 -10.93
C ASP B 32 -22.93 -30.90 -10.48
N ARG B 33 -23.02 -30.00 -11.45
CA ARG B 33 -23.33 -28.59 -11.22
C ARG B 33 -24.56 -28.38 -10.35
N ASN B 34 -25.53 -29.28 -10.45
CA ASN B 34 -26.80 -29.09 -9.76
C ASN B 34 -26.68 -29.27 -8.24
N LEU B 35 -25.52 -29.76 -7.79
CA LEU B 35 -25.23 -29.87 -6.36
C LEU B 35 -24.58 -28.60 -5.84
N LEU B 36 -24.53 -27.57 -6.68
CA LEU B 36 -23.83 -26.34 -6.36
C LEU B 36 -24.73 -25.13 -6.60
N ILE B 37 -24.79 -24.24 -5.62
CA ILE B 37 -25.42 -22.93 -5.81
C ILE B 37 -24.42 -21.83 -5.47
N LEU B 38 -24.38 -20.79 -6.30
CA LEU B 38 -23.43 -19.71 -6.14
C LEU B 38 -24.10 -18.48 -5.55
N GLY B 39 -23.29 -17.63 -4.92
CA GLY B 39 -23.80 -16.45 -4.24
C GLY B 39 -23.02 -15.21 -4.59
N LYS B 40 -22.63 -14.45 -3.55
CA LYS B 40 -21.99 -13.16 -3.72
C LYS B 40 -20.52 -13.30 -4.09
N ILE B 41 -19.94 -12.22 -4.59
CA ILE B 41 -18.53 -12.20 -4.96
C ILE B 41 -17.67 -11.94 -3.73
N LEU B 42 -16.71 -12.83 -3.49
CA LEU B 42 -15.82 -12.71 -2.34
C LEU B 42 -14.54 -11.97 -2.72
N GLY B 43 -14.10 -12.17 -3.96
CA GLY B 43 -12.89 -11.51 -4.43
C GLY B 43 -12.69 -11.69 -5.92
N GLU B 44 -11.86 -10.83 -6.49
CA GLU B 44 -11.55 -10.89 -7.92
C GLU B 44 -10.22 -11.59 -8.12
N GLY B 45 -10.24 -12.73 -8.79
CA GLY B 45 -9.03 -13.51 -9.04
C GLY B 45 -8.47 -13.28 -10.44
N GLY B 48 -10.45 -14.68 -13.40
CA GLY B 48 -11.83 -14.91 -13.02
C GLY B 48 -12.12 -14.51 -11.58
N SER B 49 -13.39 -14.29 -11.27
CA SER B 49 -13.79 -13.84 -9.93
C SER B 49 -14.09 -15.04 -9.01
N VAL B 50 -13.95 -14.81 -7.70
CA VAL B 50 -14.19 -15.83 -6.70
C VAL B 50 -15.51 -15.55 -5.99
N MET B 51 -16.33 -16.59 -5.83
CA MET B 51 -17.67 -16.45 -5.30
C MET B 51 -17.95 -17.45 -4.20
N GLU B 52 -18.78 -17.07 -3.24
CA GLU B 52 -19.25 -17.98 -2.21
C GLU B 52 -20.27 -18.93 -2.83
N GLY B 53 -20.51 -20.05 -2.16
CA GLY B 53 -21.48 -21.00 -2.62
C GLY B 53 -21.71 -22.10 -1.61
N ASN B 54 -22.75 -22.89 -1.84
CA ASN B 54 -23.05 -24.05 -1.02
C ASN B 54 -22.84 -25.30 -1.84
N LEU B 55 -22.29 -26.33 -1.20
CA LEU B 55 -22.09 -27.61 -1.85
C LEU B 55 -22.84 -28.68 -1.08
N LYS B 56 -23.91 -29.19 -1.69
CA LYS B 56 -24.64 -30.31 -1.11
C LYS B 56 -23.75 -31.55 -1.21
N GLN B 57 -23.41 -32.11 -0.05
CA GLN B 57 -22.49 -33.24 0.01
C GLN B 57 -23.22 -34.58 0.01
N GLU B 58 -22.44 -35.67 -0.03
CA GLU B 58 -22.99 -37.01 -0.11
C GLU B 58 -23.79 -37.39 1.13
N ASP B 59 -23.40 -36.83 2.27
CA ASP B 59 -24.01 -37.19 3.54
C ASP B 59 -25.28 -36.39 3.83
N GLY B 60 -25.73 -35.62 2.85
CA GLY B 60 -26.95 -34.83 2.97
C GLY B 60 -26.70 -33.37 3.31
N THR B 61 -25.69 -33.11 4.15
CA THR B 61 -25.38 -31.74 4.57
C THR B 61 -24.92 -30.87 3.40
N SER B 62 -24.97 -29.56 3.60
CA SER B 62 -24.47 -28.60 2.61
C SER B 62 -23.26 -27.85 3.18
N LEU B 63 -22.20 -27.82 2.39
CA LEU B 63 -20.94 -27.24 2.82
C LEU B 63 -20.74 -25.88 2.19
N LYS B 64 -20.29 -24.91 2.98
CA LYS B 64 -20.00 -23.59 2.47
C LYS B 64 -18.66 -23.64 1.75
N VAL B 65 -18.62 -23.14 0.51
CA VAL B 65 -17.44 -23.25 -0.33
C VAL B 65 -17.10 -21.95 -1.04
N ALA B 66 -15.93 -21.92 -1.66
CA ALA B 66 -15.51 -20.82 -2.50
C ALA B 66 -15.31 -21.36 -3.91
N VAL B 67 -15.68 -20.58 -4.91
CA VAL B 67 -15.69 -21.05 -6.29
C VAL B 67 -14.93 -20.11 -7.21
N LYS B 68 -13.85 -20.62 -7.80
CA LYS B 68 -13.14 -19.88 -8.84
C LYS B 68 -13.95 -19.89 -10.14
N THR B 69 -14.02 -18.73 -10.79
CA THR B 69 -14.80 -18.59 -12.02
C THR B 69 -14.10 -17.64 -12.98
N GLU B 86 -4.73 -31.22 -13.95
CA GLU B 86 -3.85 -30.77 -12.89
C GLU B 86 -4.57 -30.84 -11.54
N ALA B 87 -5.83 -30.43 -11.55
CA ALA B 87 -6.63 -30.39 -10.32
C ALA B 87 -6.84 -31.80 -9.77
N ALA B 88 -6.78 -32.80 -10.64
CA ALA B 88 -6.89 -34.19 -10.22
C ALA B 88 -5.72 -34.57 -9.32
N CYS B 89 -4.56 -33.95 -9.58
CA CYS B 89 -3.37 -34.18 -8.77
C CYS B 89 -3.48 -33.37 -7.49
N MET B 90 -3.99 -32.16 -7.61
CA MET B 90 -4.21 -31.27 -6.47
C MET B 90 -5.32 -31.81 -5.58
N LYS B 91 -6.10 -32.75 -6.12
CA LYS B 91 -7.15 -33.41 -5.36
C LYS B 91 -6.54 -34.34 -4.32
N ASP B 92 -5.46 -35.03 -4.70
CA ASP B 92 -4.80 -35.99 -3.82
C ASP B 92 -3.99 -35.30 -2.73
N PHE B 93 -3.73 -34.01 -2.90
CA PHE B 93 -3.02 -33.23 -1.88
C PHE B 93 -3.81 -33.27 -0.58
N SER B 94 -3.13 -33.69 0.49
CA SER B 94 -3.73 -33.73 1.82
C SER B 94 -2.75 -33.21 2.84
N HIS B 95 -3.01 -32.00 3.34
CA HIS B 95 -2.17 -31.40 4.37
C HIS B 95 -2.93 -30.22 4.98
N PRO B 96 -3.00 -30.17 6.32
CA PRO B 96 -3.82 -29.13 6.97
C PRO B 96 -3.39 -27.72 6.61
N ASN B 97 -2.15 -27.57 6.17
CA ASN B 97 -1.60 -26.28 5.76
C ASN B 97 -1.56 -26.13 4.24
N VAL B 98 -2.33 -26.96 3.55
CA VAL B 98 -2.53 -26.84 2.11
C VAL B 98 -4.01 -26.95 1.84
N ILE B 99 -4.54 -26.01 1.08
CA ILE B 99 -5.97 -25.92 0.85
C ILE B 99 -6.46 -27.14 0.08
N ARG B 100 -7.55 -27.73 0.54
CA ARG B 100 -8.12 -28.90 -0.12
C ARG B 100 -8.82 -28.51 -1.40
N LEU B 101 -8.78 -29.39 -2.38
CA LEU B 101 -9.61 -29.26 -3.57
C LEU B 101 -10.85 -30.12 -3.36
N LEU B 102 -12.02 -29.49 -3.31
CA LEU B 102 -13.26 -30.24 -3.10
C LEU B 102 -13.76 -30.85 -4.40
N GLY B 103 -13.43 -30.23 -5.51
CA GLY B 103 -13.80 -30.75 -6.81
C GLY B 103 -13.87 -29.69 -7.88
N VAL B 104 -14.49 -30.05 -9.02
CA VAL B 104 -14.59 -29.16 -10.16
C VAL B 104 -15.98 -29.31 -10.77
N CYS B 105 -16.58 -28.17 -11.14
CA CYS B 105 -17.84 -28.16 -11.86
C CYS B 105 -17.60 -27.60 -13.25
N ILE B 106 -18.17 -28.25 -14.25
CA ILE B 106 -18.12 -27.76 -15.63
C ILE B 106 -19.51 -27.26 -16.02
N GLU B 107 -19.66 -25.95 -16.03
CA GLU B 107 -20.94 -25.32 -16.31
C GLU B 107 -21.05 -25.02 -17.80
N MET B 108 -22.06 -25.60 -18.45
CA MET B 108 -22.33 -25.32 -19.85
C MET B 108 -23.29 -24.14 -19.94
N SER B 109 -22.88 -23.11 -20.68
CA SER B 109 -23.73 -21.94 -20.86
C SER B 109 -24.89 -22.28 -21.78
N SER B 110 -25.78 -21.31 -21.98
CA SER B 110 -26.93 -21.50 -22.85
C SER B 110 -26.49 -21.71 -24.30
N GLN B 111 -25.28 -21.27 -24.62
CA GLN B 111 -24.73 -21.43 -25.96
C GLN B 111 -23.89 -22.70 -26.10
N GLY B 112 -23.66 -23.39 -24.98
CA GLY B 112 -22.88 -24.60 -24.97
C GLY B 112 -21.42 -24.36 -24.66
N ILE B 113 -21.04 -23.10 -24.49
CA ILE B 113 -19.67 -22.76 -24.10
C ILE B 113 -19.40 -23.32 -22.70
N PRO B 114 -18.33 -24.13 -22.55
CA PRO B 114 -18.06 -24.67 -21.22
C PRO B 114 -17.37 -23.65 -20.32
N LYS B 115 -17.99 -23.33 -19.20
CA LYS B 115 -17.42 -22.42 -18.22
C LYS B 115 -17.06 -23.21 -16.96
N PRO B 116 -15.77 -23.60 -16.83
CA PRO B 116 -15.38 -24.46 -15.71
C PRO B 116 -15.33 -23.71 -14.37
N MET B 117 -15.42 -24.45 -13.28
CA MET B 117 -15.41 -23.86 -11.95
C MET B 117 -14.69 -24.78 -10.97
N VAL B 118 -13.80 -24.20 -10.17
CA VAL B 118 -13.06 -24.95 -9.18
C VAL B 118 -13.67 -24.73 -7.81
N ILE B 119 -13.99 -25.82 -7.13
CA ILE B 119 -14.61 -25.74 -5.80
C ILE B 119 -13.55 -25.88 -4.71
N LEU B 120 -13.54 -24.94 -3.78
CA LEU B 120 -12.58 -24.92 -2.68
C LEU B 120 -13.32 -24.60 -1.38
N PRO B 121 -12.67 -24.83 -0.23
CA PRO B 121 -13.31 -24.53 1.06
C PRO B 121 -13.48 -23.04 1.30
N PHE B 122 -14.44 -22.68 2.15
CA PHE B 122 -14.70 -21.30 2.54
C PHE B 122 -14.00 -21.00 3.86
N MET B 123 -13.40 -19.81 3.96
CA MET B 123 -12.64 -19.41 5.14
C MET B 123 -13.00 -17.98 5.50
N LYS B 124 -13.84 -17.84 6.52
CA LYS B 124 -14.44 -16.56 6.84
C LYS B 124 -13.40 -15.50 7.24
N TYR B 125 -12.25 -15.95 7.73
CA TYR B 125 -11.19 -15.02 8.12
C TYR B 125 -10.43 -14.50 6.90
N GLY B 126 -10.61 -15.16 5.76
CA GLY B 126 -10.12 -14.64 4.50
C GLY B 126 -8.63 -14.75 4.31
N ASP B 127 -8.08 -13.94 3.41
CA ASP B 127 -6.65 -14.01 3.12
C ASP B 127 -5.85 -13.40 4.26
N LEU B 128 -4.62 -13.86 4.43
CA LEU B 128 -3.79 -13.46 5.55
C LEU B 128 -3.38 -11.99 5.47
N HIS B 129 -3.07 -11.53 4.26
CA HIS B 129 -2.60 -10.16 4.06
C HIS B 129 -3.61 -9.17 4.63
N THR B 130 -4.87 -9.30 4.20
CA THR B 130 -5.93 -8.40 4.62
C THR B 130 -6.14 -8.50 6.12
N TYR B 131 -5.93 -9.70 6.67
CA TYR B 131 -6.09 -9.92 8.10
C TYR B 131 -5.03 -9.17 8.89
N LEU B 132 -3.79 -9.17 8.38
CA LEU B 132 -2.68 -8.47 9.03
C LEU B 132 -2.93 -6.97 9.12
N LEU B 133 -3.54 -6.41 8.09
CA LEU B 133 -3.85 -4.99 8.08
C LEU B 133 -4.96 -4.67 9.07
N TYR B 134 -6.06 -5.41 8.98
CA TYR B 134 -7.19 -5.25 9.88
C TYR B 134 -6.75 -5.32 11.34
N SER B 135 -5.73 -6.11 11.63
CA SER B 135 -5.27 -6.28 13.00
C SER B 135 -4.65 -5.00 13.57
N ARG B 136 -4.34 -4.07 12.67
N ARG B 136 -4.33 -4.06 12.67
CA ARG B 136 -3.72 -2.80 13.06
CA ARG B 136 -3.72 -2.80 13.06
C ARG B 136 -4.75 -1.70 13.30
C ARG B 136 -4.75 -1.71 13.31
N LEU B 137 -6.03 -2.08 13.22
CA LEU B 137 -7.12 -1.14 13.43
C LEU B 137 -7.98 -1.62 14.58
N GLU B 138 -8.62 -0.68 15.27
CA GLU B 138 -9.62 -1.02 16.27
C GLU B 138 -10.79 -1.69 15.55
N THR B 139 -11.72 -2.23 16.32
CA THR B 139 -12.85 -3.00 15.78
C THR B 139 -12.35 -4.34 15.24
N GLY B 140 -11.40 -4.30 14.31
CA GLY B 140 -10.84 -5.51 13.75
C GLY B 140 -10.06 -6.33 14.76
N PRO B 141 -9.39 -7.41 14.30
CA PRO B 141 -8.60 -8.33 15.12
C PRO B 141 -7.67 -7.62 16.09
N LYS B 142 -7.41 -8.25 17.23
CA LYS B 142 -6.53 -7.68 18.23
C LYS B 142 -5.09 -7.72 17.72
N HIS B 143 -4.24 -6.90 18.33
CA HIS B 143 -2.81 -6.89 18.01
C HIS B 143 -2.25 -8.31 18.04
N ILE B 144 -1.68 -8.73 16.92
CA ILE B 144 -1.13 -10.06 16.79
C ILE B 144 0.29 -10.08 17.38
N PRO B 145 0.52 -10.90 18.42
CA PRO B 145 1.87 -10.95 18.99
C PRO B 145 2.86 -11.72 18.11
N LEU B 146 4.13 -11.67 18.46
CA LEU B 146 5.20 -12.29 17.67
C LEU B 146 5.06 -13.81 17.60
N GLN B 147 4.49 -14.40 18.65
CA GLN B 147 4.35 -15.85 18.72
C GLN B 147 3.30 -16.30 17.70
N THR B 148 2.22 -15.53 17.59
CA THR B 148 1.13 -15.84 16.66
C THR B 148 1.57 -15.60 15.22
N LEU B 149 2.36 -14.54 15.01
CA LEU B 149 2.90 -14.23 13.69
C LEU B 149 3.86 -15.32 13.20
N LEU B 150 4.55 -15.96 14.15
CA LEU B 150 5.51 -17.00 13.82
C LEU B 150 4.79 -18.28 13.43
N LYS B 151 3.69 -18.56 14.12
CA LYS B 151 2.88 -19.74 13.81
C LYS B 151 2.37 -19.65 12.37
N PHE B 152 2.02 -18.44 11.94
CA PHE B 152 1.64 -18.21 10.55
C PHE B 152 2.77 -18.64 9.63
N MET B 153 4.01 -18.33 10.01
CA MET B 153 5.16 -18.66 9.19
C MET B 153 5.43 -20.16 9.19
N VAL B 154 5.21 -20.79 10.34
CA VAL B 154 5.40 -22.23 10.46
C VAL B 154 4.41 -22.94 9.55
N ASP B 155 3.14 -22.58 9.68
CA ASP B 155 2.07 -23.20 8.91
C ASP B 155 2.38 -23.16 7.41
N ILE B 156 2.79 -22.00 6.92
CA ILE B 156 3.15 -21.82 5.52
C ILE B 156 4.34 -22.72 5.16
N ALA B 157 5.38 -22.68 5.98
CA ALA B 157 6.58 -23.47 5.74
C ALA B 157 6.24 -24.97 5.70
N LEU B 158 5.33 -25.39 6.59
CA LEU B 158 4.87 -26.78 6.63
C LEU B 158 4.17 -27.16 5.32
N GLY B 159 3.35 -26.25 4.81
CA GLY B 159 2.63 -26.49 3.57
C GLY B 159 3.53 -26.51 2.36
N MET B 160 4.58 -25.69 2.36
CA MET B 160 5.53 -25.65 1.26
C MET B 160 6.47 -26.85 1.32
N GLU B 161 6.78 -27.28 2.54
CA GLU B 161 7.56 -28.48 2.75
C GLU B 161 6.84 -29.66 2.10
N TYR B 162 5.52 -29.70 2.31
CA TYR B 162 4.67 -30.76 1.76
C TYR B 162 4.70 -30.75 0.23
N LEU B 163 4.48 -29.57 -0.35
CA LEU B 163 4.41 -29.42 -1.80
C LEU B 163 5.77 -29.61 -2.47
N SER B 164 6.82 -29.07 -1.86
CA SER B 164 8.17 -29.16 -2.40
C SER B 164 8.67 -30.61 -2.41
N ASN B 165 8.17 -31.41 -1.47
CA ASN B 165 8.54 -32.82 -1.39
C ASN B 165 7.91 -33.62 -2.54
N ARG B 166 6.82 -33.10 -3.09
CA ARG B 166 6.16 -33.70 -4.25
C ARG B 166 6.60 -32.99 -5.53
N ASN B 167 7.63 -32.16 -5.42
CA ASN B 167 8.20 -31.44 -6.56
C ASN B 167 7.18 -30.54 -7.25
N PHE B 168 6.26 -30.01 -6.44
CA PHE B 168 5.26 -29.08 -6.94
C PHE B 168 5.71 -27.65 -6.66
N LEU B 169 5.65 -26.80 -7.68
CA LEU B 169 6.04 -25.39 -7.55
C LEU B 169 4.80 -24.51 -7.42
N HIS B 170 4.85 -23.57 -6.49
CA HIS B 170 3.73 -22.67 -6.24
C HIS B 170 3.72 -21.55 -7.27
N ARG B 171 4.88 -20.91 -7.44
CA ARG B 171 5.09 -19.89 -8.48
C ARG B 171 4.42 -18.56 -8.17
N ASP B 172 3.62 -18.50 -7.11
CA ASP B 172 2.90 -17.28 -6.77
C ASP B 172 2.57 -17.23 -5.28
N LEU B 173 3.59 -17.36 -4.45
CA LEU B 173 3.42 -17.40 -3.00
C LEU B 173 3.54 -15.99 -2.43
N ALA B 174 2.55 -15.60 -1.63
CA ALA B 174 2.52 -14.28 -1.02
C ALA B 174 1.40 -14.26 0.02
N ALA B 175 1.46 -13.28 0.93
CA ALA B 175 0.49 -13.20 2.02
C ALA B 175 -0.94 -13.15 1.50
N ARG B 176 -1.11 -12.57 0.31
CA ARG B 176 -2.44 -12.45 -0.29
C ARG B 176 -3.04 -13.83 -0.63
N ASN B 177 -2.17 -14.78 -0.93
N ASN B 177 -2.20 -14.79 -0.97
CA ASN B 177 -2.58 -16.14 -1.30
CA ASN B 177 -2.68 -16.14 -1.28
C ASN B 177 -2.35 -17.14 -0.15
C ASN B 177 -2.36 -17.13 -0.15
N CYS B 178 -2.55 -16.67 1.08
CA CYS B 178 -2.47 -17.52 2.26
C CYS B 178 -3.77 -17.33 3.03
N MET B 179 -4.49 -18.43 3.27
CA MET B 179 -5.83 -18.35 3.84
C MET B 179 -5.84 -18.78 5.30
N LEU B 180 -6.67 -18.13 6.10
CA LEU B 180 -6.85 -18.47 7.51
C LEU B 180 -8.06 -19.37 7.72
N ARG B 181 -7.82 -20.60 8.15
CA ARG B 181 -8.91 -21.52 8.44
C ARG B 181 -9.68 -21.05 9.65
N ASP B 182 -10.77 -21.74 9.96
CA ASP B 182 -11.61 -21.41 11.11
C ASP B 182 -10.86 -21.60 12.43
N ASP B 183 -9.85 -22.46 12.42
CA ASP B 183 -9.02 -22.70 13.60
C ASP B 183 -7.82 -21.75 13.64
N MET B 184 -7.84 -20.72 12.80
CA MET B 184 -6.77 -19.73 12.75
C MET B 184 -5.42 -20.29 12.29
N THR B 185 -5.43 -21.50 11.75
CA THR B 185 -4.23 -22.04 11.10
C THR B 185 -4.19 -21.53 9.66
N VAL B 186 -2.99 -21.35 9.13
CA VAL B 186 -2.82 -20.85 7.78
C VAL B 186 -2.63 -22.00 6.78
N CYS B 187 -3.11 -21.80 5.56
CA CYS B 187 -2.88 -22.74 4.48
C CYS B 187 -2.53 -21.96 3.21
N VAL B 188 -1.77 -22.59 2.33
CA VAL B 188 -1.35 -21.96 1.08
C VAL B 188 -2.33 -22.27 -0.05
N ALA B 189 -2.57 -21.28 -0.92
CA ALA B 189 -3.52 -21.43 -2.02
C ALA B 189 -3.05 -20.71 -3.28
N ASP B 190 -3.87 -20.78 -4.34
CA ASP B 190 -3.54 -20.20 -5.64
C ASP B 190 -2.23 -20.76 -6.21
N PHE B 191 -2.20 -22.07 -6.42
CA PHE B 191 -1.03 -22.74 -7.00
C PHE B 191 -1.46 -23.73 -8.07
N PRO B 212 3.25 -9.40 -9.80
CA PRO B 212 3.82 -9.96 -8.57
C PRO B 212 5.35 -9.88 -8.58
N VAL B 213 5.88 -8.81 -9.19
CA VAL B 213 7.31 -8.68 -9.46
C VAL B 213 8.17 -8.76 -8.19
N LYS B 214 7.71 -8.14 -7.12
CA LYS B 214 8.51 -8.01 -5.89
C LYS B 214 8.62 -9.31 -5.10
N TRP B 215 7.93 -10.36 -5.55
CA TRP B 215 8.00 -11.66 -4.91
C TRP B 215 8.85 -12.62 -5.75
N ILE B 216 9.05 -12.29 -7.02
CA ILE B 216 9.80 -13.15 -7.91
C ILE B 216 11.28 -13.09 -7.56
N ALA B 217 11.91 -14.27 -7.52
CA ALA B 217 13.32 -14.37 -7.19
C ALA B 217 14.15 -13.75 -8.31
N ILE B 218 15.35 -13.32 -7.97
CA ILE B 218 16.20 -12.59 -8.90
C ILE B 218 16.55 -13.40 -10.15
N GLU B 219 16.75 -14.70 -9.99
CA GLU B 219 17.14 -15.55 -11.12
C GLU B 219 15.97 -15.73 -12.09
N SER B 220 14.75 -15.69 -11.55
CA SER B 220 13.55 -15.91 -12.34
C SER B 220 13.11 -14.63 -13.07
N LEU B 221 13.65 -13.50 -12.64
CA LEU B 221 13.39 -12.23 -13.31
C LEU B 221 14.21 -12.10 -14.59
N ALA B 222 15.31 -12.85 -14.66
CA ALA B 222 16.23 -12.81 -15.79
C ALA B 222 15.91 -13.93 -16.78
N ASP B 223 16.17 -15.17 -16.36
CA ASP B 223 16.02 -16.32 -17.24
C ASP B 223 14.55 -16.68 -17.47
N ARG B 224 13.67 -16.09 -16.67
CA ARG B 224 12.25 -16.43 -16.70
C ARG B 224 12.06 -17.92 -16.49
N VAL B 225 12.46 -18.39 -15.30
CA VAL B 225 12.30 -19.79 -14.93
C VAL B 225 12.20 -19.90 -13.41
N TYR B 226 11.36 -20.83 -12.94
CA TYR B 226 11.11 -21.00 -11.52
C TYR B 226 11.53 -22.39 -11.04
N THR B 227 12.06 -22.45 -9.82
CA THR B 227 12.39 -23.70 -9.17
C THR B 227 11.73 -23.70 -7.79
N SER B 228 11.99 -24.73 -7.00
CA SER B 228 11.49 -24.76 -5.63
C SER B 228 12.22 -23.71 -4.79
N LYS B 229 13.40 -23.32 -5.24
CA LYS B 229 14.20 -22.29 -4.56
C LYS B 229 13.69 -20.88 -4.86
N SER B 230 12.91 -20.76 -5.92
CA SER B 230 12.24 -19.50 -6.23
C SER B 230 11.10 -19.32 -5.25
N ASP B 231 10.45 -20.43 -4.88
CA ASP B 231 9.37 -20.41 -3.91
C ASP B 231 9.91 -20.06 -2.53
N VAL B 232 11.15 -20.43 -2.25
CA VAL B 232 11.79 -20.10 -0.97
C VAL B 232 11.99 -18.59 -0.89
N TRP B 233 12.48 -18.01 -1.97
CA TRP B 233 12.66 -16.56 -2.06
C TRP B 233 11.35 -15.85 -1.73
N ALA B 234 10.27 -16.30 -2.38
CA ALA B 234 8.96 -15.70 -2.19
C ALA B 234 8.47 -15.90 -0.77
N PHE B 235 8.72 -17.08 -0.22
CA PHE B 235 8.35 -17.36 1.16
C PHE B 235 9.02 -16.36 2.09
N GLY B 236 10.27 -16.01 1.78
CA GLY B 236 11.01 -15.04 2.58
C GLY B 236 10.34 -13.69 2.56
N VAL B 237 9.74 -13.34 1.43
CA VAL B 237 9.03 -12.07 1.31
C VAL B 237 7.75 -12.16 2.15
N THR B 238 7.08 -13.29 2.08
CA THR B 238 5.85 -13.50 2.85
C THR B 238 6.15 -13.33 4.33
N MET B 239 7.28 -13.85 4.77
CA MET B 239 7.70 -13.74 6.16
C MET B 239 7.86 -12.27 6.53
N TRP B 240 8.34 -11.49 5.58
CA TRP B 240 8.57 -10.07 5.77
C TRP B 240 7.24 -9.32 5.82
N GLU B 241 6.32 -9.69 4.92
CA GLU B 241 4.97 -9.14 4.93
C GLU B 241 4.31 -9.36 6.28
N ILE B 242 4.52 -10.55 6.84
CA ILE B 242 3.91 -10.93 8.11
C ILE B 242 4.60 -10.18 9.27
N ALA B 243 5.91 -10.01 9.19
CA ALA B 243 6.67 -9.34 10.25
C ALA B 243 6.36 -7.85 10.27
N THR B 244 6.03 -7.30 9.10
CA THR B 244 5.67 -5.90 8.99
C THR B 244 4.16 -5.70 9.11
N ARG B 245 3.43 -6.80 9.28
CA ARG B 245 1.98 -6.76 9.39
C ARG B 245 1.32 -6.09 8.19
N GLY B 246 1.80 -6.41 6.99
CA GLY B 246 1.10 -6.06 5.77
C GLY B 246 1.72 -5.00 4.88
N MET B 247 2.94 -4.56 5.18
CA MET B 247 3.61 -3.57 4.34
C MET B 247 3.91 -4.13 2.96
N THR B 248 3.78 -3.28 1.94
CA THR B 248 4.17 -3.63 0.59
C THR B 248 5.69 -3.73 0.55
N PRO B 249 6.23 -4.83 -0.01
CA PRO B 249 7.69 -4.98 -0.07
C PRO B 249 8.41 -3.85 -0.81
N TYR B 250 9.65 -3.56 -0.40
CA TYR B 250 10.51 -2.59 -1.08
C TYR B 250 9.86 -1.21 -1.22
N PRO B 251 9.55 -0.55 -0.09
CA PRO B 251 9.07 0.83 -0.15
C PRO B 251 10.12 1.78 -0.72
N GLY B 252 9.69 2.72 -1.57
CA GLY B 252 10.61 3.65 -2.21
C GLY B 252 11.11 3.11 -3.55
N VAL B 253 11.00 1.80 -3.72
CA VAL B 253 11.47 1.12 -4.93
C VAL B 253 10.30 0.77 -5.86
N GLN B 254 10.40 1.19 -7.12
CA GLN B 254 9.38 0.89 -8.13
C GLN B 254 9.58 -0.51 -8.67
N ASN B 255 8.55 -1.08 -9.28
CA ASN B 255 8.60 -2.45 -9.80
C ASN B 255 9.66 -2.64 -10.88
N HIS B 256 9.89 -1.62 -11.70
CA HIS B 256 10.88 -1.73 -12.78
C HIS B 256 12.31 -1.59 -12.25
N GLU B 257 12.44 -1.03 -11.06
CA GLU B 257 13.75 -0.84 -10.44
C GLU B 257 14.23 -2.10 -9.72
N MET B 258 13.33 -3.06 -9.56
CA MET B 258 13.57 -4.23 -8.70
C MET B 258 14.73 -5.11 -9.13
N TYR B 259 14.84 -5.38 -10.44
CA TYR B 259 15.92 -6.24 -10.93
C TYR B 259 17.29 -5.65 -10.61
N ASP B 260 17.50 -4.38 -10.99
CA ASP B 260 18.78 -3.71 -10.73
C ASP B 260 19.00 -3.48 -9.24
N TYR B 261 17.90 -3.36 -8.51
CA TYR B 261 17.96 -3.20 -7.06
C TYR B 261 18.53 -4.49 -6.44
N LEU B 262 17.90 -5.62 -6.75
CA LEU B 262 18.34 -6.92 -6.25
C LEU B 262 19.71 -7.28 -6.81
N LEU B 263 19.95 -6.88 -8.05
CA LEU B 263 21.21 -7.18 -8.74
C LEU B 263 22.42 -6.59 -8.01
N HIS B 264 22.25 -5.41 -7.41
CA HIS B 264 23.34 -4.75 -6.68
C HIS B 264 23.47 -5.28 -5.26
N GLY B 265 22.69 -6.30 -4.92
CA GLY B 265 22.81 -6.99 -3.65
C GLY B 265 21.90 -6.45 -2.57
N HIS B 266 21.02 -5.52 -2.94
CA HIS B 266 20.09 -4.94 -1.97
C HIS B 266 18.93 -5.89 -1.70
N ARG B 267 18.52 -5.94 -0.43
CA ARG B 267 17.46 -6.83 0.00
C ARG B 267 16.47 -6.11 0.91
N LEU B 268 15.34 -6.75 1.17
CA LEU B 268 14.34 -6.19 2.08
C LEU B 268 14.97 -5.88 3.43
N LYS B 269 14.76 -4.66 3.90
CA LYS B 269 15.35 -4.22 5.15
C LYS B 269 14.69 -4.92 6.33
N GLN B 270 15.41 -4.97 7.44
CA GLN B 270 14.90 -5.60 8.66
C GLN B 270 13.83 -4.70 9.31
N PRO B 271 12.63 -5.26 9.60
CA PRO B 271 11.63 -4.45 10.31
C PRO B 271 12.10 -4.05 11.70
N GLU B 272 11.63 -2.90 12.18
CA GLU B 272 12.07 -2.33 13.46
C GLU B 272 11.85 -3.30 14.62
N ASP B 273 10.71 -3.98 14.61
CA ASP B 273 10.35 -4.95 15.63
C ASP B 273 10.50 -6.36 15.07
N CYS B 274 11.75 -6.74 14.79
CA CYS B 274 12.04 -8.07 14.25
C CYS B 274 13.34 -8.57 14.86
N LEU B 275 13.29 -9.77 15.43
CA LEU B 275 14.47 -10.38 16.01
C LEU B 275 15.51 -10.65 14.93
N ASP B 276 16.78 -10.45 15.27
CA ASP B 276 17.87 -10.74 14.37
C ASP B 276 17.80 -12.21 13.93
N GLU B 277 17.38 -13.05 14.87
CA GLU B 277 17.22 -14.48 14.62
C GLU B 277 16.23 -14.72 13.48
N LEU B 278 15.14 -13.98 13.51
CA LEU B 278 14.09 -14.13 12.51
C LEU B 278 14.53 -13.55 11.17
N TYR B 279 15.27 -12.45 11.20
CA TYR B 279 15.65 -11.78 9.97
C TYR B 279 16.69 -12.60 9.20
N GLU B 280 17.54 -13.31 9.93
CA GLU B 280 18.55 -14.16 9.31
C GLU B 280 17.87 -15.26 8.50
N ILE B 281 16.76 -15.78 9.01
CA ILE B 281 16.03 -16.83 8.31
C ILE B 281 15.46 -16.32 6.99
N MET B 282 14.77 -15.18 7.02
CA MET B 282 14.16 -14.64 5.81
C MET B 282 15.22 -14.13 4.84
N TYR B 283 16.37 -13.69 5.37
CA TYR B 283 17.46 -13.21 4.54
C TYR B 283 18.15 -14.36 3.79
N SER B 284 18.21 -15.52 4.44
CA SER B 284 18.82 -16.70 3.84
C SER B 284 18.02 -17.16 2.61
N CYS B 285 16.79 -16.67 2.50
CA CYS B 285 15.92 -17.04 1.39
C CYS B 285 16.23 -16.19 0.16
N TRP B 286 16.93 -15.08 0.34
CA TRP B 286 17.18 -14.14 -0.75
C TRP B 286 18.62 -14.19 -1.23
N ARG B 287 19.33 -15.26 -0.88
CA ARG B 287 20.71 -15.42 -1.31
C ARG B 287 20.75 -15.53 -2.82
N THR B 288 21.73 -14.85 -3.42
CA THR B 288 21.80 -14.71 -4.87
C THR B 288 21.78 -16.06 -5.60
N ASP B 289 22.51 -17.02 -5.06
CA ASP B 289 22.56 -18.37 -5.62
C ASP B 289 21.44 -19.19 -4.99
N PRO B 290 20.52 -19.72 -5.82
CA PRO B 290 19.43 -20.56 -5.30
C PRO B 290 19.90 -21.73 -4.43
N LEU B 291 21.09 -22.25 -4.72
CA LEU B 291 21.59 -23.43 -4.03
C LEU B 291 22.01 -23.11 -2.60
N ASP B 292 22.36 -21.87 -2.35
CA ASP B 292 22.76 -21.43 -1.00
C ASP B 292 21.55 -21.21 -0.12
N ARG B 293 20.36 -21.15 -0.72
CA ARG B 293 19.14 -20.95 0.05
C ARG B 293 18.76 -22.23 0.76
N PRO B 294 18.15 -22.12 1.95
CA PRO B 294 17.70 -23.32 2.67
C PRO B 294 16.40 -23.88 2.10
N THR B 295 16.21 -25.18 2.20
CA THR B 295 14.97 -25.82 1.79
C THR B 295 13.87 -25.47 2.79
N PHE B 296 12.63 -25.77 2.43
CA PHE B 296 11.49 -25.51 3.31
C PHE B 296 11.53 -26.37 4.58
N SER B 297 12.10 -27.56 4.50
CA SER B 297 12.19 -28.42 5.67
C SER B 297 13.16 -27.81 6.69
N VAL B 298 14.17 -27.09 6.21
CA VAL B 298 15.13 -26.42 7.08
C VAL B 298 14.48 -25.21 7.73
N LEU B 299 13.86 -24.36 6.90
CA LEU B 299 13.20 -23.15 7.37
C LEU B 299 12.12 -23.47 8.39
N ARG B 300 11.34 -24.51 8.10
CA ARG B 300 10.21 -24.87 8.94
C ARG B 300 10.71 -25.20 10.35
N LEU B 301 11.81 -25.93 10.43
CA LEU B 301 12.34 -26.34 11.73
C LEU B 301 13.04 -25.18 12.43
N GLN B 302 13.64 -24.30 11.65
CA GLN B 302 14.27 -23.09 12.19
C GLN B 302 13.23 -22.23 12.90
N LEU B 303 12.08 -22.07 12.25
CA LEU B 303 10.98 -21.26 12.78
C LEU B 303 10.29 -21.92 13.97
N GLU B 304 10.19 -23.25 13.92
CA GLU B 304 9.60 -23.99 15.03
C GLU B 304 10.49 -23.84 16.25
N LYS B 305 11.81 -23.89 16.04
CA LYS B 305 12.77 -23.83 17.13
C LYS B 305 12.85 -22.41 17.71
N LEU B 306 12.66 -21.41 16.86
CA LEU B 306 12.68 -20.03 17.30
C LEU B 306 11.46 -19.75 18.17
N LEU B 307 10.31 -20.27 17.75
CA LEU B 307 9.07 -20.08 18.48
C LEU B 307 9.13 -20.71 19.87
N GLU B 308 9.92 -21.77 20.01
CA GLU B 308 10.13 -22.40 21.32
C GLU B 308 10.91 -21.50 22.26
N SER B 309 11.95 -20.86 21.73
CA SER B 309 12.86 -20.06 22.55
C SER B 309 12.17 -18.84 23.18
N LEU B 310 10.97 -18.53 22.69
CA LEU B 310 10.19 -17.42 23.23
C LEU B 310 9.08 -17.95 24.13
N PRO B 311 8.66 -17.15 25.14
CA PRO B 311 7.55 -17.55 26.00
C PRO B 311 6.19 -17.48 25.30
#